data_7HF3
#
_entry.id   7HF3
#
_cell.length_a   88.779
_cell.length_b   88.779
_cell.length_c   39.374
_cell.angle_alpha   90.000
_cell.angle_beta   90.000
_cell.angle_gamma   90.000
#
_symmetry.space_group_name_H-M   'P 43'
#
loop_
_entity.id
_entity.type
_entity.pdbx_description
1 polymer 'Non-structural protein 3'
2 non-polymer [(2S,4R)-4-methyl-1-(7H-pyrrolo[2,3-d]pyrimidin-4-yl)piperidin-2-yl]methanol
3 non-polymer [(2R,4S)-4-methyl-1-(7H-pyrrolo[2,3-d]pyrimidin-4-yl)piperidin-2-yl]methanol
4 water water
#
_entity_poly.entity_id   1
_entity_poly.type   'polypeptide(L)'
_entity_poly.pdbx_seq_one_letter_code
;SMVNSFSGYLKLTDNVYIKNADIVEEAKKVKPTVVVNAANVYLKHGGGVAGALNKATNNAMQVESDDYIATNGPLKVGGS
CVLSGHNLAKHCLHVVGPNVNKGEDIQLLKSAYENFNQHEVLLAPLLSAGIFGADPIHSLRVCVDTVRTNVYLAVFDKNL
YDKLVSSFL
;
_entity_poly.pdbx_strand_id   A,B
#
# COMPACT_ATOMS: atom_id res chain seq x y z
N VAL A 3 10.97 -16.14 14.45
N VAL A 3 11.13 -16.27 14.37
CA VAL A 3 12.36 -15.73 14.50
CA VAL A 3 12.53 -15.84 14.41
C VAL A 3 12.88 -15.49 13.07
C VAL A 3 13.04 -15.59 13.00
N ASN A 4 13.58 -14.38 12.88
N ASN A 4 13.62 -14.41 12.78
CA ASN A 4 14.21 -14.06 11.60
CA ASN A 4 14.23 -14.06 11.50
C ASN A 4 15.67 -13.67 11.84
C ASN A 4 15.70 -13.70 11.71
N SER A 5 16.37 -13.38 10.75
N SER A 5 16.39 -13.38 10.62
CA SER A 5 17.83 -13.20 10.78
CA SER A 5 17.83 -13.18 10.62
C SER A 5 18.25 -11.74 10.84
C SER A 5 18.24 -11.72 10.71
N PHE A 6 17.32 -10.82 11.06
CA PHE A 6 17.68 -9.42 11.27
C PHE A 6 18.34 -9.30 12.64
N SER A 7 19.45 -8.54 12.69
N SER A 7 19.52 -8.66 12.69
CA SER A 7 20.28 -8.40 13.88
CA SER A 7 20.33 -8.67 13.89
C SER A 7 20.54 -6.94 14.19
C SER A 7 20.77 -7.26 14.23
N GLY A 8 20.58 -6.61 15.48
N GLY A 8 20.73 -6.94 15.52
CA GLY A 8 21.03 -5.30 15.92
CA GLY A 8 21.11 -5.62 16.00
C GLY A 8 20.03 -4.17 15.84
C GLY A 8 20.02 -4.58 15.93
N TYR A 9 18.74 -4.48 15.75
N TYR A 9 18.78 -4.96 15.62
CA TYR A 9 17.71 -3.46 15.66
CA TYR A 9 17.71 -3.99 15.49
C TYR A 9 17.19 -3.07 17.05
C TYR A 9 17.14 -3.61 16.85
N LEU A 10 16.81 -1.80 17.17
N LEU A 10 16.87 -2.33 17.01
CA LEU A 10 16.03 -1.33 18.31
CA LEU A 10 16.22 -1.80 18.20
C LEU A 10 14.56 -1.55 18.00
C LEU A 10 14.72 -1.87 17.99
N LYS A 11 13.80 -1.96 19.02
N LYS A 11 14.02 -2.55 18.92
CA LYS A 11 12.39 -2.28 18.87
CA LYS A 11 12.57 -2.65 18.83
C LYS A 11 11.58 -1.06 19.27
C LYS A 11 11.95 -1.31 19.18
N LEU A 12 10.85 -0.48 18.31
N LEU A 12 11.12 -0.79 18.27
CA LEU A 12 10.02 0.69 18.64
CA LEU A 12 10.40 0.45 18.50
C LEU A 12 8.63 0.29 19.08
C LEU A 12 8.96 0.24 18.97
N THR A 13 8.06 -0.73 18.46
N THR A 13 8.21 -0.64 18.32
CA THR A 13 6.71 -1.19 18.75
CA THR A 13 6.83 -0.93 18.70
C THR A 13 6.69 -2.71 18.57
C THR A 13 6.60 -2.44 18.54
N ASP A 14 5.49 -3.27 18.70
N ASP A 14 5.33 -2.85 18.65
CA ASP A 14 5.30 -4.69 18.48
CA ASP A 14 5.02 -4.26 18.49
C ASP A 14 5.93 -5.17 17.18
C ASP A 14 5.50 -4.79 17.14
N ASN A 15 5.86 -4.35 16.12
N ASN A 15 5.50 -3.95 16.10
CA ASN A 15 6.20 -4.82 14.78
CA ASN A 15 5.79 -4.42 14.75
C ASN A 15 7.22 -3.97 14.04
C ASN A 15 6.82 -3.59 14.01
N VAL A 16 7.67 -2.85 14.58
N VAL A 16 7.41 -2.56 14.63
CA VAL A 16 8.60 -1.93 13.91
CA VAL A 16 8.36 -1.67 13.98
C VAL A 16 9.93 -1.93 14.65
C VAL A 16 9.72 -1.77 14.69
N TYR A 17 11.00 -2.16 13.88
N TYR A 17 10.78 -1.93 13.90
CA TYR A 17 12.38 -2.19 14.36
CA TYR A 17 12.15 -2.08 14.35
C TYR A 17 13.19 -1.20 13.55
C TYR A 17 13.06 -1.13 13.55
N ILE A 18 14.18 -0.56 14.18
N ILE A 18 14.30 -0.92 14.02
CA ILE A 18 14.96 0.50 13.53
CA ILE A 18 15.19 0.07 13.39
C ILE A 18 16.45 0.34 13.83
C ILE A 18 16.66 -0.24 13.67
N LYS A 19 17.27 0.71 12.85
N LYS A 19 17.51 0.10 12.71
CA LYS A 19 18.72 0.50 12.97
CA LYS A 19 18.97 -0.07 12.79
C LYS A 19 19.44 1.53 12.10
C LYS A 19 19.65 1.04 12.00
N ASN A 20 20.63 1.93 12.54
N ASN A 20 20.67 1.67 12.59
CA ASN A 20 21.55 2.72 11.71
CA ASN A 20 21.46 2.69 11.87
C ASN A 20 22.29 1.73 10.82
C ASN A 20 22.34 1.97 10.85
N ALA A 21 21.97 1.73 9.54
N ALA A 21 21.86 1.88 9.61
CA ALA A 21 22.59 0.78 8.63
CA ALA A 21 22.56 1.14 8.59
C ALA A 21 22.39 1.24 7.19
C ALA A 21 22.14 1.59 7.20
N ASP A 22 23.30 0.80 6.33
N ASP A 22 22.98 1.27 6.21
CA ASP A 22 23.18 0.98 4.88
CA ASP A 22 22.66 1.41 4.80
C ASP A 22 22.29 -0.12 4.34
C ASP A 22 21.79 0.23 4.39
N ILE A 23 21.12 0.26 3.81
N ILE A 23 20.60 0.51 3.83
CA ILE A 23 20.14 -0.73 3.36
CA ILE A 23 19.68 -0.56 3.44
C ILE A 23 20.73 -1.66 2.31
C ILE A 23 20.34 -1.51 2.46
N VAL A 24 21.66 -1.16 1.50
N VAL A 24 21.27 -1.00 1.63
CA VAL A 24 22.32 -2.01 0.52
CA VAL A 24 21.94 -1.85 0.65
C VAL A 24 23.10 -3.11 1.23
C VAL A 24 22.81 -2.88 1.35
N GLU A 25 23.93 -2.73 2.19
N GLU A 25 23.53 -2.48 2.40
CA GLU A 25 24.72 -3.73 2.92
CA GLU A 25 24.37 -3.43 3.12
C GLU A 25 23.83 -4.61 3.77
C GLU A 25 23.53 -4.41 3.93
N GLU A 26 22.77 -4.05 4.35
N GLU A 26 22.42 -3.93 4.51
CA GLU A 26 21.81 -4.87 5.09
CA GLU A 26 21.52 -4.84 5.22
C GLU A 26 21.20 -5.93 4.18
C GLU A 26 20.93 -5.88 4.28
N ALA A 27 20.69 -5.51 3.02
CA ALA A 27 20.09 -6.46 2.09
C ALA A 27 21.08 -7.54 1.68
N LYS A 28 22.32 -7.16 1.38
N LYS A 28 22.32 -7.14 1.35
CA LYS A 28 23.30 -8.15 0.96
CA LYS A 28 23.32 -8.11 0.95
C LYS A 28 23.58 -9.18 2.06
C LYS A 28 23.63 -9.10 2.06
N LYS A 29 23.46 -8.78 3.33
N LYS A 29 23.59 -8.66 3.32
CA LYS A 29 23.72 -9.70 4.42
CA LYS A 29 23.88 -9.56 4.42
C LYS A 29 22.50 -10.59 4.71
C LYS A 29 22.69 -10.45 4.75
N VAL A 30 21.33 -9.98 4.87
N VAL A 30 21.48 -9.90 4.78
CA VAL A 30 20.14 -10.73 5.26
CA VAL A 30 20.31 -10.65 5.23
C VAL A 30 19.52 -11.47 4.09
C VAL A 30 19.67 -11.42 4.07
N LYS A 31 19.62 -10.93 2.88
N LYS A 31 19.67 -10.85 2.87
CA LYS A 31 18.88 -11.42 1.73
CA LYS A 31 18.91 -11.36 1.75
C LYS A 31 17.40 -11.61 2.09
C LYS A 31 17.45 -11.59 2.16
N PRO A 32 16.72 -10.53 2.50
CA PRO A 32 15.35 -10.69 2.99
C PRO A 32 14.41 -11.09 1.86
N THR A 33 13.23 -11.55 2.27
CA THR A 33 12.18 -11.84 1.28
C THR A 33 11.81 -10.60 0.49
N VAL A 34 11.71 -9.45 1.17
CA VAL A 34 11.29 -8.21 0.54
C VAL A 34 12.21 -7.08 1.01
N VAL A 35 12.85 -6.40 0.07
CA VAL A 35 13.46 -5.09 0.30
C VAL A 35 12.60 -4.03 -0.37
N VAL A 36 12.35 -2.94 0.34
CA VAL A 36 11.60 -1.81 -0.19
C VAL A 36 12.54 -0.82 -0.84
N ASN A 37 12.21 -0.41 -2.06
CA ASN A 37 12.89 0.70 -2.72
C ASN A 37 12.06 1.97 -2.60
N ALA A 38 12.77 3.06 -2.35
N ALA A 38 12.73 3.09 -2.34
CA ALA A 38 12.25 4.44 -2.40
CA ALA A 38 12.05 4.38 -2.32
C ALA A 38 12.19 4.86 -3.88
C ALA A 38 12.07 4.96 -3.74
N ALA A 39 11.13 4.43 -4.55
N ALA A 39 11.09 4.53 -4.54
CA ALA A 39 10.98 4.59 -6.00
CA ALA A 39 11.09 4.80 -5.96
C ALA A 39 10.30 5.91 -6.34
C ALA A 39 10.32 6.08 -6.29
N ASN A 40 10.44 6.30 -7.61
N ASN A 40 10.52 6.55 -7.52
CA ASN A 40 9.60 7.32 -8.23
CA ASN A 40 9.63 7.53 -8.13
C ASN A 40 8.67 6.64 -9.24
C ASN A 40 8.73 6.82 -9.16
N VAL A 41 7.68 7.40 -9.73
N VAL A 41 7.78 7.57 -9.71
CA VAL A 41 6.65 6.80 -10.58
CA VAL A 41 6.72 6.96 -10.51
C VAL A 41 7.22 6.26 -11.87
C VAL A 41 7.22 6.34 -11.81
N TYR A 42 8.39 6.77 -12.30
CA TYR A 42 8.99 6.29 -13.54
C TYR A 42 9.97 5.15 -13.32
N LEU A 43 10.16 4.73 -12.07
CA LEU A 43 11.17 3.74 -11.72
C LEU A 43 12.55 4.10 -12.30
N LYS A 44 12.87 5.40 -12.26
N LYS A 44 12.87 5.40 -12.25
CA LYS A 44 14.20 5.88 -12.67
CA LYS A 44 14.21 5.88 -12.61
C LYS A 44 15.05 5.96 -11.42
C LYS A 44 15.04 5.94 -11.34
N HIS A 45 15.95 4.99 -11.27
N HIS A 45 15.95 4.98 -11.19
CA HIS A 45 16.66 4.78 -10.00
CA HIS A 45 16.71 4.81 -9.95
C HIS A 45 17.99 5.53 -10.00
C HIS A 45 18.02 5.57 -10.07
N GLY A 46 17.90 6.85 -9.99
N GLY A 46 17.98 6.84 -9.70
CA GLY A 46 19.05 7.70 -10.25
CA GLY A 46 19.14 7.69 -9.90
C GLY A 46 19.89 8.05 -9.04
C GLY A 46 20.02 7.85 -8.68
N GLY A 47 19.26 8.18 -7.87
N GLY A 47 19.42 8.02 -7.51
CA GLY A 47 19.96 8.66 -6.68
CA GLY A 47 20.17 8.35 -6.32
C GLY A 47 19.20 8.25 -5.44
C GLY A 47 19.47 7.89 -5.07
N GLY A 48 19.72 8.68 -4.30
N GLY A 48 20.07 8.24 -3.93
CA GLY A 48 19.11 8.27 -3.04
CA GLY A 48 19.51 7.81 -2.65
C GLY A 48 19.18 6.77 -2.85
C GLY A 48 19.40 6.30 -2.60
N VAL A 49 18.21 6.25 -2.09
N VAL A 49 18.33 5.84 -1.95
CA VAL A 49 18.14 4.80 -1.88
CA VAL A 49 18.07 4.40 -1.84
C VAL A 49 18.04 4.07 -3.20
C VAL A 49 18.04 3.74 -3.21
N ALA A 50 17.19 4.56 -4.12
N ALA A 50 17.28 4.33 -4.15
CA ALA A 50 16.96 3.86 -5.38
CA ALA A 50 17.07 3.69 -5.43
C ALA A 50 18.24 3.78 -6.20
C ALA A 50 18.37 3.56 -6.20
N GLY A 51 18.97 4.88 -6.31
N GLY A 51 19.13 4.66 -6.29
CA GLY A 51 20.22 4.85 -7.05
CA GLY A 51 20.40 4.61 -6.99
C GLY A 51 21.22 3.89 -6.44
C GLY A 51 21.35 3.61 -6.36
N ALA A 52 21.26 3.81 -5.11
N ALA A 52 21.36 3.54 -5.04
CA ALA A 52 22.19 2.91 -4.43
CA ALA A 52 22.28 2.63 -4.35
C ALA A 52 21.79 1.45 -4.63
C ALA A 52 21.85 1.17 -4.52
N LEU A 53 20.51 1.13 -4.45
N LEU A 53 20.56 0.88 -4.40
CA LEU A 53 20.06 -0.25 -4.65
CA LEU A 53 20.08 -0.47 -4.69
C LEU A 53 20.34 -0.69 -6.09
C LEU A 53 20.39 -0.83 -6.14
N ASN A 54 20.04 0.18 -7.05
N ASN A 54 20.03 0.05 -7.07
CA ASN A 54 20.22 -0.22 -8.43
CA ASN A 54 20.24 -0.29 -8.48
C ASN A 54 21.70 -0.48 -8.74
C ASN A 54 21.73 -0.49 -8.79
N LYS A 55 22.58 0.38 -8.25
CA LYS A 55 24.02 0.20 -8.46
C LYS A 55 24.47 -1.15 -7.95
N ALA A 56 23.96 -1.57 -6.79
CA ALA A 56 24.34 -2.86 -6.22
C ALA A 56 23.87 -4.03 -7.06
N THR A 57 22.84 -3.86 -7.89
CA THR A 57 22.40 -4.88 -8.85
C THR A 57 23.11 -4.79 -10.19
N ASN A 58 24.13 -3.93 -10.32
CA ASN A 58 24.84 -3.80 -11.59
C ASN A 58 23.91 -3.32 -12.70
N ASN A 59 22.91 -2.50 -12.35
CA ASN A 59 21.92 -1.90 -13.26
C ASN A 59 20.83 -2.89 -13.68
N ALA A 60 20.83 -4.12 -13.18
CA ALA A 60 19.78 -5.05 -13.57
C ALA A 60 18.41 -4.58 -13.08
N MET A 61 18.35 -3.94 -11.92
CA MET A 61 17.08 -3.36 -11.44
C MET A 61 16.53 -2.35 -12.45
N GLN A 62 17.39 -1.48 -12.97
CA GLN A 62 16.93 -0.47 -13.93
C GLN A 62 16.44 -1.12 -15.22
N VAL A 63 17.16 -2.13 -15.73
CA VAL A 63 16.75 -2.80 -16.96
C VAL A 63 15.37 -3.42 -16.78
N GLU A 64 15.17 -4.13 -15.66
CA GLU A 64 13.87 -4.74 -15.39
C GLU A 64 12.80 -3.66 -15.27
N SER A 65 13.13 -2.57 -14.58
CA SER A 65 12.18 -1.50 -14.36
C SER A 65 11.76 -0.82 -15.66
N ASP A 66 12.70 -0.63 -16.58
CA ASP A 66 12.35 0.00 -17.85
C ASP A 66 11.37 -0.85 -18.65
N ASP A 67 11.55 -2.17 -18.61
CA ASP A 67 10.59 -3.06 -19.25
C ASP A 67 9.23 -2.98 -18.56
N TYR A 68 9.21 -2.91 -17.23
CA TYR A 68 7.94 -2.78 -16.50
C TYR A 68 7.19 -1.52 -16.93
N ILE A 69 7.90 -0.38 -17.00
CA ILE A 69 7.25 0.88 -17.36
C ILE A 69 6.79 0.86 -18.82
N ALA A 70 7.59 0.28 -19.71
CA ALA A 70 7.20 0.20 -21.11
C ALA A 70 5.91 -0.57 -21.28
N THR A 71 5.65 -1.56 -20.42
CA THR A 71 4.45 -2.37 -20.49
C THR A 71 3.27 -1.74 -19.76
N ASN A 72 3.52 -1.16 -18.59
CA ASN A 72 2.45 -0.80 -17.67
C ASN A 72 2.26 0.70 -17.47
N GLY A 73 3.21 1.53 -17.89
CA GLY A 73 3.16 2.94 -17.61
C GLY A 73 3.58 3.23 -16.18
N PRO A 74 3.60 4.52 -15.83
CA PRO A 74 4.11 4.92 -14.51
C PRO A 74 3.22 4.43 -13.38
N LEU A 75 3.85 4.30 -12.21
CA LEU A 75 3.11 4.08 -10.98
C LEU A 75 2.37 5.35 -10.58
N LYS A 76 1.48 5.21 -9.60
CA LYS A 76 0.86 6.33 -8.91
C LYS A 76 1.72 6.74 -7.71
N VAL A 77 1.74 8.04 -7.41
CA VAL A 77 2.29 8.46 -6.12
C VAL A 77 1.43 7.83 -5.02
N GLY A 78 2.08 7.16 -4.08
CA GLY A 78 1.39 6.36 -3.09
C GLY A 78 1.28 4.89 -3.46
N GLY A 79 1.62 4.53 -4.69
CA GLY A 79 1.49 3.17 -5.18
C GLY A 79 2.80 2.40 -5.14
N SER A 80 2.73 1.18 -5.68
CA SER A 80 3.85 0.27 -5.61
C SER A 80 3.75 -0.79 -6.70
N CYS A 81 4.86 -1.48 -6.91
CA CYS A 81 4.86 -2.71 -7.69
C CYS A 81 5.92 -3.64 -7.11
N VAL A 82 5.70 -4.94 -7.29
CA VAL A 82 6.64 -5.98 -6.88
C VAL A 82 7.44 -6.41 -8.09
N LEU A 83 8.77 -6.29 -8.00
CA LEU A 83 9.68 -6.77 -9.02
C LEU A 83 10.72 -7.65 -8.36
N SER A 84 11.69 -8.11 -9.15
CA SER A 84 12.74 -8.96 -8.60
C SER A 84 13.60 -8.21 -7.58
N GLY A 85 14.11 -8.93 -6.59
CA GLY A 85 15.10 -8.41 -5.69
C GLY A 85 16.53 -8.61 -6.16
N HIS A 86 16.72 -9.27 -7.30
CA HIS A 86 18.05 -9.45 -7.91
C HIS A 86 18.96 -10.12 -6.89
N ASN A 87 20.17 -9.63 -6.69
CA ASN A 87 21.12 -10.21 -5.75
C ASN A 87 20.93 -9.72 -4.33
N LEU A 88 19.90 -8.92 -4.06
CA LEU A 88 19.73 -8.28 -2.77
C LEU A 88 18.64 -8.87 -1.91
N ALA A 89 17.63 -9.50 -2.51
CA ALA A 89 16.44 -9.97 -1.81
C ALA A 89 15.69 -10.85 -2.80
N LYS A 90 14.71 -11.60 -2.29
CA LYS A 90 13.85 -12.33 -3.23
C LYS A 90 13.08 -11.36 -4.11
N HIS A 91 12.42 -10.39 -3.50
CA HIS A 91 11.59 -9.41 -4.18
C HIS A 91 12.00 -8.00 -3.77
N CYS A 92 11.79 -7.06 -4.68
CA CYS A 92 11.85 -5.65 -4.35
C CYS A 92 10.46 -5.04 -4.49
N LEU A 93 9.95 -4.47 -3.40
CA LEU A 93 8.72 -3.69 -3.43
C LEU A 93 9.10 -2.24 -3.68
N HIS A 94 8.83 -1.77 -4.90
CA HIS A 94 9.09 -0.37 -5.28
C HIS A 94 7.90 0.44 -4.83
N VAL A 95 8.11 1.35 -3.87
CA VAL A 95 7.04 2.14 -3.28
C VAL A 95 7.32 3.61 -3.54
N VAL A 96 6.31 4.34 -4.02
CA VAL A 96 6.45 5.75 -4.33
C VAL A 96 5.83 6.57 -3.22
N GLY A 97 6.68 7.12 -2.35
N GLY A 97 6.66 7.18 -2.38
CA GLY A 97 6.26 8.14 -1.43
CA GLY A 97 6.18 8.19 -1.45
C GLY A 97 6.26 9.49 -2.12
C GLY A 97 6.00 9.52 -2.15
N PRO A 98 5.48 10.44 -1.62
N PRO A 98 5.21 10.42 -1.55
CA PRO A 98 5.51 11.79 -2.22
CA PRO A 98 5.04 11.75 -2.14
C PRO A 98 6.88 12.43 -2.08
C PRO A 98 6.34 12.55 -2.08
N ASN A 99 7.29 13.12 -3.15
N ASN A 99 6.61 13.29 -3.15
CA ASN A 99 8.53 13.90 -3.17
CA ASN A 99 7.77 14.18 -3.23
C ASN A 99 8.18 15.36 -2.93
C ASN A 99 7.30 15.59 -2.91
N VAL A 100 8.46 15.83 -1.71
N VAL A 100 7.63 16.05 -1.70
CA VAL A 100 8.14 17.21 -1.33
CA VAL A 100 7.19 17.38 -1.26
C VAL A 100 8.83 18.21 -2.25
C VAL A 100 7.84 18.49 -2.09
N ASN A 101 10.03 17.88 -2.72
N ASN A 101 9.02 18.23 -2.67
CA ASN A 101 10.73 18.76 -3.65
CA ASN A 101 9.63 19.21 -3.57
C ASN A 101 10.09 18.78 -5.04
C ASN A 101 8.88 19.34 -4.88
N LYS A 102 9.01 18.03 -5.26
N LYS A 102 8.05 18.36 -5.24
CA LYS A 102 8.18 18.14 -6.45
CA LYS A 102 7.21 18.41 -6.43
C LYS A 102 6.80 18.72 -6.15
C LYS A 102 5.79 18.89 -6.14
N GLY A 103 6.52 19.08 -4.90
N GLY A 103 5.55 19.42 -4.94
CA GLY A 103 5.22 19.63 -4.55
CA GLY A 103 4.21 19.87 -4.58
C GLY A 103 4.15 18.59 -4.30
C GLY A 103 3.22 18.75 -4.31
N GLU A 104 4.52 17.32 -4.11
N GLU A 104 3.69 17.55 -4.03
CA GLU A 104 3.54 16.26 -3.98
CA GLU A 104 2.82 16.39 -3.88
C GLU A 104 2.96 16.19 -2.57
C GLU A 104 2.32 16.26 -2.44
N ASP A 105 1.67 15.86 -2.49
N ASP A 105 1.16 15.61 -2.31
CA ASP A 105 0.92 15.92 -1.25
CA ASP A 105 0.38 15.63 -1.08
C ASP A 105 1.48 14.94 -0.23
C ASP A 105 1.02 14.72 -0.04
N ILE A 106 1.87 15.46 0.94
N ILE A 106 1.50 15.30 1.06
CA ILE A 106 2.45 14.63 1.99
CA ILE A 106 2.13 14.50 2.11
C ILE A 106 1.42 13.67 2.57
C ILE A 106 1.15 13.50 2.71
N GLN A 107 0.12 13.97 2.41
N GLN A 107 -0.16 13.76 2.59
CA GLN A 107 -0.92 13.06 2.87
CA GLN A 107 -1.15 12.78 3.03
C GLN A 107 -0.82 11.70 2.19
C GLN A 107 -1.00 11.46 2.26
N LEU A 108 -0.21 11.65 1.00
N LEU A 108 -0.39 11.50 1.07
CA LEU A 108 -0.05 10.38 0.29
CA LEU A 108 -0.12 10.28 0.32
C LEU A 108 0.98 9.48 0.94
C LEU A 108 0.98 9.44 0.96
N LEU A 109 1.69 9.95 1.96
CA LEU A 109 2.67 9.12 2.64
C LEU A 109 2.01 7.93 3.34
N LYS A 110 0.84 8.15 3.93
CA LYS A 110 0.14 7.02 4.56
C LYS A 110 -0.24 5.97 3.52
N SER A 111 -0.76 6.40 2.36
CA SER A 111 -1.08 5.46 1.29
C SER A 111 0.15 4.67 0.87
N ALA A 112 1.30 5.33 0.78
CA ALA A 112 2.54 4.65 0.40
C ALA A 112 2.87 3.56 1.40
N TYR A 113 2.80 3.87 2.70
CA TYR A 113 3.12 2.87 3.72
C TYR A 113 2.11 1.72 3.74
N GLU A 114 0.85 1.96 3.33
CA GLU A 114 -0.12 0.88 3.31
C GLU A 114 0.32 -0.29 2.42
N ASN A 115 1.13 -0.02 1.41
CA ASN A 115 1.62 -1.10 0.56
C ASN A 115 2.41 -2.13 1.36
N PHE A 116 3.06 -1.70 2.45
CA PHE A 116 3.86 -2.64 3.24
C PHE A 116 2.98 -3.73 3.86
N ASN A 117 1.69 -3.46 4.08
CA ASN A 117 0.84 -4.42 4.77
C ASN A 117 0.54 -5.64 3.93
N GLN A 118 0.89 -5.64 2.65
CA GLN A 118 0.72 -6.81 1.79
C GLN A 118 1.86 -7.81 1.94
N HIS A 119 2.81 -7.55 2.84
CA HIS A 119 3.99 -8.40 3.01
C HIS A 119 4.25 -8.61 4.48
N GLU A 120 4.49 -9.87 4.86
CA GLU A 120 4.57 -10.20 6.28
C GLU A 120 5.79 -9.59 6.95
N VAL A 121 6.91 -9.49 6.23
CA VAL A 121 8.17 -8.97 6.77
C VAL A 121 8.87 -8.19 5.67
N LEU A 122 9.41 -7.01 6.00
CA LEU A 122 10.11 -6.20 5.01
C LEU A 122 11.31 -5.50 5.63
N LEU A 123 12.35 -5.32 4.80
N LEU A 123 12.36 -5.37 4.82
CA LEU A 123 13.43 -4.39 5.07
CA LEU A 123 13.48 -4.48 5.08
C LEU A 123 13.14 -3.12 4.28
C LEU A 123 13.22 -3.21 4.29
N ALA A 124 13.30 -1.95 4.91
N ALA A 124 13.06 -2.08 4.97
CA ALA A 124 12.78 -0.75 4.26
CA ALA A 124 12.58 -0.88 4.32
C ALA A 124 13.52 0.50 4.74
C ALA A 124 13.37 0.35 4.72
N PRO A 125 13.58 1.53 3.90
N PRO A 125 13.36 1.40 3.88
CA PRO A 125 13.94 2.88 4.35
CA PRO A 125 13.92 2.69 4.26
C PRO A 125 12.68 3.62 4.80
C PRO A 125 12.82 3.61 4.74
N LEU A 126 12.90 4.77 5.42
N LEU A 126 13.18 4.79 5.26
CA LEU A 126 11.82 5.70 5.70
CA LEU A 126 12.16 5.78 5.61
C LEU A 126 11.35 6.37 4.41
C LEU A 126 11.65 6.46 4.33
N LEU A 127 10.09 6.17 4.07
N LEU A 127 10.38 6.27 4.01
CA LEU A 127 9.54 6.71 2.84
CA LEU A 127 9.84 6.83 2.78
C LEU A 127 9.51 8.23 2.89
C LEU A 127 9.70 8.35 2.87
N SER A 128 9.81 8.83 1.74
N SER A 128 9.85 8.99 1.72
CA SER A 128 9.83 10.27 1.54
CA SER A 128 9.68 10.42 1.46
C SER A 128 10.95 10.97 2.29
C SER A 128 10.69 11.34 2.14
N ALA A 129 11.85 10.25 2.95
N ALA A 129 11.60 10.81 2.95
CA ALA A 129 13.00 10.87 3.60
CA ALA A 129 12.54 11.67 3.65
C ALA A 129 14.08 11.14 2.56
C ALA A 129 13.86 11.77 2.87
N GLY A 130 15.22 11.66 3.04
N GLY A 130 14.86 12.39 3.50
CA GLY A 130 16.32 11.94 2.15
CA GLY A 130 16.14 12.61 2.83
C GLY A 130 15.92 12.91 1.06
C GLY A 130 15.94 13.37 1.55
N ILE A 131 16.29 12.58 -0.19
N ILE A 131 16.57 12.86 0.48
CA ILE A 131 16.08 13.49 -1.31
CA ILE A 131 16.56 13.55 -0.81
C ILE A 131 14.62 13.70 -1.68
C ILE A 131 15.16 13.77 -1.35
N PHE A 132 13.69 12.93 -1.08
N PHE A 132 14.16 13.10 -0.78
CA PHE A 132 12.26 13.18 -1.28
CA PHE A 132 12.78 13.29 -1.22
C PHE A 132 11.73 14.32 -0.42
C PHE A 132 12.09 14.51 -0.59
N GLY A 133 12.52 14.80 0.55
N GLY A 133 12.62 15.07 0.49
CA GLY A 133 12.27 16.09 1.17
CA GLY A 133 12.23 16.39 0.94
C GLY A 133 11.31 16.12 2.34
C GLY A 133 11.36 16.45 2.19
N ALA A 134 10.76 14.99 2.77
N ALA A 134 10.75 15.36 2.63
CA ALA A 134 9.87 15.00 3.93
CA ALA A 134 9.84 15.42 3.76
C ALA A 134 10.68 14.90 5.23
C ALA A 134 10.58 15.28 5.08
N ASP A 135 10.02 15.28 6.32
N ASP A 135 9.87 15.53 6.18
CA ASP A 135 10.60 15.17 7.66
CA ASP A 135 10.45 15.47 7.51
C ASP A 135 10.70 13.69 8.04
C ASP A 135 10.54 14.02 7.97
N PRO A 136 11.90 13.15 8.24
N PRO A 136 11.73 13.51 8.29
CA PRO A 136 12.00 11.73 8.62
CA PRO A 136 11.84 12.09 8.67
C PRO A 136 11.31 11.39 9.93
C PRO A 136 11.13 11.73 9.96
N ILE A 137 11.20 12.36 10.85
N ILE A 137 11.17 12.60 10.98
CA ILE A 137 10.46 12.11 12.09
CA ILE A 137 10.41 12.34 12.21
C ILE A 137 8.98 11.88 11.79
C ILE A 137 8.98 11.97 11.86
N HIS A 138 8.39 12.71 10.92
CA HIS A 138 7.02 12.47 10.50
C HIS A 138 6.90 11.15 9.78
N SER A 139 7.84 10.83 8.89
CA SER A 139 7.76 9.56 8.17
C SER A 139 7.75 8.38 9.11
N LEU A 140 8.58 8.42 10.17
CA LEU A 140 8.60 7.32 11.12
C LEU A 140 7.26 7.20 11.85
N ARG A 141 6.67 8.33 12.21
CA ARG A 141 5.38 8.33 12.88
C ARG A 141 4.31 7.70 11.99
N VAL A 142 4.26 8.10 10.72
CA VAL A 142 3.28 7.51 9.80
C VAL A 142 3.54 6.02 9.66
N CYS A 143 4.80 5.62 9.53
CA CYS A 143 5.12 4.21 9.43
C CYS A 143 4.53 3.43 10.60
N VAL A 144 4.82 3.88 11.82
CA VAL A 144 4.39 3.18 13.02
C VAL A 144 2.87 3.11 13.09
N ASP A 145 2.19 4.17 12.66
CA ASP A 145 0.74 4.26 12.76
C ASP A 145 0.02 3.65 11.56
N THR A 146 0.74 3.13 10.57
CA THR A 146 0.14 2.59 9.35
C THR A 146 0.50 1.15 9.11
N VAL A 147 1.78 0.79 9.24
CA VAL A 147 2.24 -0.56 8.95
C VAL A 147 1.91 -1.47 10.13
N ARG A 148 1.28 -2.61 9.83
CA ARG A 148 0.93 -3.61 10.82
C ARG A 148 1.76 -4.88 10.71
N THR A 149 2.40 -5.08 9.55
CA THR A 149 3.31 -6.19 9.35
C THR A 149 4.68 -5.82 9.93
N ASN A 150 5.61 -6.76 9.90
CA ASN A 150 6.88 -6.60 10.59
C ASN A 150 7.86 -5.87 9.68
N VAL A 151 8.26 -4.66 10.09
CA VAL A 151 9.10 -3.80 9.26
C VAL A 151 10.39 -3.50 10.00
N TYR A 152 11.51 -3.71 9.29
CA TYR A 152 12.86 -3.46 9.75
C TYR A 152 13.39 -2.26 8.98
N LEU A 153 13.49 -1.13 9.66
CA LEU A 153 13.89 0.13 9.05
C LEU A 153 15.39 0.34 9.15
N ALA A 154 16.00 0.63 8.01
N ALA A 154 16.03 0.58 8.02
CA ALA A 154 17.42 0.99 7.93
CA ALA A 154 17.46 0.86 7.95
C ALA A 154 17.53 2.50 7.71
C ALA A 154 17.62 2.35 7.65
N VAL A 155 18.27 3.16 8.60
N VAL A 155 18.20 3.08 8.61
CA VAL A 155 18.53 4.59 8.51
CA VAL A 155 18.32 4.54 8.53
C VAL A 155 20.03 4.75 8.29
C VAL A 155 19.81 4.87 8.35
N PHE A 156 20.40 5.25 7.11
N PHE A 156 20.13 5.54 7.25
CA PHE A 156 21.82 5.33 6.73
CA PHE A 156 21.51 5.70 6.81
C PHE A 156 22.59 6.28 7.64
C PHE A 156 22.27 6.77 7.61
N ASP A 157 22.03 7.45 7.90
N ASP A 157 21.59 7.81 8.08
CA ASP A 157 22.74 8.52 8.59
CA ASP A 157 22.25 8.93 8.73
C ASP A 157 22.72 8.27 10.10
C ASP A 157 22.28 8.75 10.25
N LYS A 158 23.90 8.10 10.70
N LYS A 158 23.48 8.85 10.83
CA LYS A 158 23.96 7.82 12.14
CA LYS A 158 23.69 8.56 12.24
C LYS A 158 23.39 8.98 12.94
C LYS A 158 22.95 9.56 13.13
N ASN A 159 23.71 10.22 12.56
N ASN A 159 23.15 10.85 12.86
CA ASN A 159 23.14 11.36 13.27
CA ASN A 159 22.52 11.87 13.71
C ASN A 159 21.62 11.36 13.17
C ASN A 159 21.00 11.82 13.59
N LEU A 160 21.07 11.05 12.00
N LEU A 160 20.48 11.47 12.42
CA LEU A 160 19.62 11.01 11.88
CA LEU A 160 19.04 11.32 12.27
C LEU A 160 19.04 9.86 12.71
C LEU A 160 18.52 10.13 13.06
N TYR A 161 19.71 8.71 12.72
N TYR A 161 19.18 8.97 12.90
CA TYR A 161 19.22 7.58 13.49
CA TYR A 161 18.83 7.79 13.70
C TYR A 161 19.05 7.96 14.97
C TYR A 161 18.87 8.13 15.18
N ASP A 162 20.05 8.62 15.56
N ASP A 162 19.99 8.71 15.64
CA ASP A 162 19.98 8.94 16.98
CA ASP A 162 20.10 9.17 17.02
C ASP A 162 18.83 9.91 17.26
C ASP A 162 18.92 10.07 17.39
N LYS A 163 18.58 10.85 16.35
N LYS A 163 18.60 11.03 16.52
CA LYS A 163 17.50 11.81 16.54
CA LYS A 163 17.49 11.92 16.79
C LYS A 163 16.13 11.12 16.47
C LYS A 163 16.16 11.19 16.72
N LEU A 164 15.99 10.15 15.57
N LEU A 164 15.99 10.32 15.73
CA LEU A 164 14.73 9.43 15.45
CA LEU A 164 14.73 9.59 15.58
C LEU A 164 14.41 8.65 16.71
C LEU A 164 14.42 8.75 16.80
N VAL A 165 15.42 7.99 17.28
CA VAL A 165 15.24 7.21 18.49
C VAL A 165 14.93 8.13 19.67
N SER A 166 15.76 9.16 19.86
N SER A 166 15.76 9.16 19.85
CA SER A 166 15.62 10.01 21.04
CA SER A 166 15.63 10.02 21.02
C SER A 166 14.32 10.79 21.04
C SER A 166 14.30 10.77 21.04
N SER A 167 13.74 11.05 19.88
CA SER A 167 12.50 11.80 19.78
C SER A 167 11.27 10.92 19.61
N PHE A 168 11.44 9.59 19.60
CA PHE A 168 10.31 8.71 19.32
C PHE A 168 9.35 8.68 20.49
N LEU A 169 8.07 8.84 20.20
CA LEU A 169 7.05 8.80 21.24
C LEU A 169 6.42 7.41 21.28
N SER B 1 -19.08 14.29 -21.69
N SER B 1 -19.11 14.26 -21.66
CA SER B 1 -19.77 13.08 -21.17
CA SER B 1 -19.68 12.99 -21.15
C SER B 1 -19.84 13.10 -19.65
C SER B 1 -19.81 13.04 -19.64
N MET B 2 -20.71 12.25 -19.13
N MET B 2 -20.74 12.24 -19.13
CA MET B 2 -21.05 12.22 -17.72
CA MET B 2 -21.06 12.20 -17.71
C MET B 2 -20.49 10.94 -17.11
C MET B 2 -20.48 10.93 -17.12
N VAL B 3 -19.52 11.10 -16.21
CA VAL B 3 -18.92 9.98 -15.50
C VAL B 3 -18.87 10.33 -14.02
N ASN B 4 -18.81 9.30 -13.19
CA ASN B 4 -18.78 9.47 -11.74
C ASN B 4 -19.91 10.40 -11.29
N SER B 5 -21.11 10.18 -11.84
CA SER B 5 -22.27 11.03 -11.53
C SER B 5 -23.10 10.34 -10.45
N PHE B 6 -22.55 10.32 -9.24
CA PHE B 6 -23.22 9.74 -8.09
C PHE B 6 -24.30 10.70 -7.62
N SER B 7 -25.48 10.15 -7.33
N SER B 7 -25.48 10.17 -7.33
CA SER B 7 -26.65 10.92 -6.95
CA SER B 7 -26.59 11.01 -6.90
C SER B 7 -27.44 10.16 -5.89
C SER B 7 -27.42 10.31 -5.84
N GLY B 8 -27.95 10.88 -4.90
N GLY B 8 -27.87 11.08 -4.85
CA GLY B 8 -28.81 10.30 -3.91
CA GLY B 8 -28.73 10.55 -3.81
C GLY B 8 -28.09 9.58 -2.79
C GLY B 8 -28.03 9.77 -2.73
N TYR B 9 -26.81 9.87 -2.57
N TYR B 9 -26.73 9.99 -2.53
CA TYR B 9 -26.08 9.23 -1.48
CA TYR B 9 -25.99 9.28 -1.50
C TYR B 9 -26.18 10.02 -0.20
C TYR B 9 -26.07 10.05 -0.19
N LEU B 10 -26.12 9.31 0.91
CA LEU B 10 -26.12 9.88 2.24
C LEU B 10 -24.67 9.98 2.70
N LYS B 11 -24.27 11.15 3.16
CA LYS B 11 -22.92 11.36 3.65
C LYS B 11 -22.80 10.75 5.04
N LEU B 12 -21.83 9.86 5.23
CA LEU B 12 -21.47 9.35 6.55
C LEU B 12 -20.29 10.08 7.14
N THR B 13 -19.23 10.23 6.35
CA THR B 13 -18.06 11.01 6.70
C THR B 13 -17.73 11.89 5.50
N ASP B 14 -16.67 12.68 5.63
N ASP B 14 -16.66 12.68 5.63
CA ASP B 14 -16.29 13.57 4.53
CA ASP B 14 -16.29 13.57 4.54
C ASP B 14 -16.05 12.79 3.25
C ASP B 14 -15.91 12.83 3.26
N ASN B 15 -15.62 11.53 3.35
CA ASN B 15 -15.26 10.75 2.15
C ASN B 15 -16.04 9.46 1.95
N VAL B 16 -16.93 9.09 2.86
CA VAL B 16 -17.71 7.85 2.74
C VAL B 16 -19.17 8.19 2.61
N TYR B 17 -19.79 7.69 1.54
CA TYR B 17 -21.18 7.93 1.20
C TYR B 17 -21.87 6.58 1.01
N ILE B 18 -23.18 6.55 1.21
CA ILE B 18 -23.91 5.29 1.18
C ILE B 18 -25.28 5.49 0.54
N LYS B 19 -25.74 4.47 -0.18
CA LYS B 19 -27.03 4.53 -0.87
C LYS B 19 -27.65 3.13 -0.89
N ASN B 20 -28.97 3.08 -0.78
CA ASN B 20 -29.71 1.83 -0.95
C ASN B 20 -29.89 1.62 -2.46
N ALA B 21 -29.12 0.70 -3.04
CA ALA B 21 -29.12 0.56 -4.49
C ALA B 21 -28.51 -0.77 -4.89
N ASP B 22 -28.89 -1.21 -6.09
CA ASP B 22 -28.30 -2.36 -6.79
C ASP B 22 -27.03 -1.88 -7.48
N ILE B 23 -25.88 -2.45 -7.08
CA ILE B 23 -24.59 -1.94 -7.55
C ILE B 23 -24.44 -2.04 -9.07
N VAL B 24 -25.05 -3.06 -9.70
CA VAL B 24 -24.99 -3.18 -11.15
C VAL B 24 -25.76 -2.04 -11.80
N GLU B 25 -27.01 -1.81 -11.35
CA GLU B 25 -27.78 -0.70 -11.88
C GLU B 25 -27.10 0.63 -11.60
N GLU B 26 -26.52 0.78 -10.41
N GLU B 26 -26.52 0.78 -10.41
CA GLU B 26 -25.78 2.00 -10.08
CA GLU B 26 -25.79 2.00 -10.06
C GLU B 26 -24.61 2.21 -11.01
C GLU B 26 -24.61 2.21 -11.01
N ALA B 27 -23.82 1.16 -11.25
CA ALA B 27 -22.68 1.29 -12.16
C ALA B 27 -23.13 1.75 -13.53
N LYS B 28 -24.21 1.19 -14.05
CA LYS B 28 -24.66 1.56 -15.40
C LYS B 28 -25.16 2.99 -15.44
N LYS B 29 -25.70 3.51 -14.34
CA LYS B 29 -26.20 4.87 -14.31
C LYS B 29 -25.11 5.89 -13.98
N VAL B 30 -24.25 5.59 -13.01
CA VAL B 30 -23.24 6.53 -12.54
C VAL B 30 -22.07 6.64 -13.50
N LYS B 31 -21.79 5.58 -14.24
CA LYS B 31 -20.62 5.49 -15.11
C LYS B 31 -19.33 5.77 -14.35
N PRO B 32 -19.02 4.98 -13.32
CA PRO B 32 -17.84 5.24 -12.49
C PRO B 32 -16.55 4.86 -13.19
N THR B 33 -15.47 5.56 -12.81
CA THR B 33 -14.13 5.14 -13.22
C THR B 33 -13.80 3.76 -12.68
N VAL B 34 -14.21 3.47 -11.43
CA VAL B 34 -13.85 2.23 -10.75
C VAL B 34 -15.08 1.66 -10.07
N VAL B 35 -15.42 0.41 -10.38
CA VAL B 35 -16.34 -0.37 -9.56
C VAL B 35 -15.53 -1.45 -8.87
N VAL B 36 -15.79 -1.64 -7.56
CA VAL B 36 -15.13 -2.66 -6.78
C VAL B 36 -15.92 -3.97 -6.85
N ASN B 37 -15.22 -5.06 -7.10
CA ASN B 37 -15.79 -6.39 -6.97
C ASN B 37 -15.36 -7.02 -5.66
N ALA B 38 -16.32 -7.71 -5.03
CA ALA B 38 -16.08 -8.57 -3.85
C ALA B 38 -15.56 -9.91 -4.35
N ALA B 39 -14.25 -9.93 -4.64
CA ALA B 39 -13.59 -11.03 -5.30
C ALA B 39 -13.06 -12.06 -4.31
N ASN B 40 -12.71 -13.23 -4.83
CA ASN B 40 -11.92 -14.23 -4.13
C ASN B 40 -10.57 -14.37 -4.84
N VAL B 41 -9.65 -15.14 -4.22
CA VAL B 41 -8.26 -15.14 -4.67
C VAL B 41 -8.10 -15.68 -6.09
N TYR B 42 -8.98 -16.57 -6.53
CA TYR B 42 -8.91 -17.12 -7.87
C TYR B 42 -9.85 -16.43 -8.85
N LEU B 43 -10.44 -15.31 -8.45
CA LEU B 43 -11.32 -14.53 -9.32
C LEU B 43 -12.38 -15.40 -9.97
N LYS B 44 -12.99 -16.28 -9.16
CA LYS B 44 -14.10 -17.13 -9.59
C LYS B 44 -15.39 -16.44 -9.14
N HIS B 45 -16.09 -15.83 -10.09
CA HIS B 45 -17.16 -14.89 -9.79
C HIS B 45 -18.50 -15.63 -9.77
N GLY B 46 -18.69 -16.39 -8.70
N GLY B 46 -18.68 -16.41 -8.71
CA GLY B 46 -19.84 -17.28 -8.62
CA GLY B 46 -19.85 -17.25 -8.63
C GLY B 46 -21.11 -16.71 -8.00
C GLY B 46 -21.08 -16.57 -8.07
N GLY B 47 -20.99 -16.07 -6.84
CA GLY B 47 -22.15 -15.64 -6.09
C GLY B 47 -22.08 -14.18 -5.66
N GLY B 48 -23.15 -13.74 -5.01
CA GLY B 48 -23.17 -12.40 -4.45
C GLY B 48 -22.82 -11.35 -5.48
N VAL B 49 -22.07 -10.34 -5.04
CA VAL B 49 -21.71 -9.22 -5.91
C VAL B 49 -20.94 -9.71 -7.13
N ALA B 50 -19.97 -10.60 -6.95
CA ALA B 50 -19.14 -11.01 -8.08
C ALA B 50 -19.98 -11.71 -9.14
N GLY B 51 -20.89 -12.57 -8.72
CA GLY B 51 -21.75 -13.22 -9.69
C GLY B 51 -22.60 -12.24 -10.46
N ALA B 52 -23.13 -11.23 -9.77
CA ALA B 52 -23.97 -10.24 -10.43
C ALA B 52 -23.16 -9.38 -11.41
N LEU B 53 -21.97 -8.94 -11.00
CA LEU B 53 -21.15 -8.14 -11.91
C LEU B 53 -20.76 -8.96 -13.14
N ASN B 54 -20.32 -10.21 -12.93
CA ASN B 54 -19.91 -11.02 -14.07
C ASN B 54 -21.08 -11.27 -15.01
N LYS B 55 -22.26 -11.59 -14.45
CA LYS B 55 -23.44 -11.79 -15.30
C LYS B 55 -23.74 -10.56 -16.13
N ALA B 56 -23.61 -9.37 -15.54
CA ALA B 56 -23.89 -8.14 -16.29
C ALA B 56 -22.96 -8.00 -17.48
N THR B 57 -21.72 -8.51 -17.36
CA THR B 57 -20.76 -8.47 -18.46
C THR B 57 -20.91 -9.64 -19.43
N ASN B 58 -21.95 -10.45 -19.29
CA ASN B 58 -22.15 -11.61 -20.15
C ASN B 58 -20.94 -12.53 -20.12
N ASN B 59 -20.36 -12.71 -18.94
CA ASN B 59 -19.25 -13.61 -18.65
C ASN B 59 -17.90 -13.09 -19.14
N ALA B 60 -17.84 -11.90 -19.75
CA ALA B 60 -16.56 -11.37 -20.21
C ALA B 60 -15.61 -11.16 -19.04
N MET B 61 -16.12 -10.75 -17.89
CA MET B 61 -15.28 -10.58 -16.72
C MET B 61 -14.62 -11.90 -16.31
N GLN B 62 -15.37 -13.00 -16.35
CA GLN B 62 -14.79 -14.28 -15.97
C GLN B 62 -13.71 -14.72 -16.95
N VAL B 63 -13.96 -14.56 -18.24
CA VAL B 63 -12.94 -14.94 -19.23
C VAL B 63 -11.66 -14.15 -19.00
N GLU B 64 -11.80 -12.84 -18.83
CA GLU B 64 -10.64 -11.98 -18.58
C GLU B 64 -9.93 -12.38 -17.29
N SER B 65 -10.71 -12.71 -16.27
CA SER B 65 -10.15 -13.08 -14.97
C SER B 65 -9.37 -14.38 -15.05
N ASP B 66 -9.90 -15.40 -15.75
CA ASP B 66 -9.18 -16.66 -15.88
C ASP B 66 -7.84 -16.46 -16.58
N ASP B 67 -7.81 -15.59 -17.59
CA ASP B 67 -6.55 -15.28 -18.25
C ASP B 67 -5.58 -14.58 -17.30
N TYR B 68 -6.09 -13.63 -16.51
CA TYR B 68 -5.24 -12.98 -15.50
C TYR B 68 -4.62 -14.00 -14.56
N ILE B 69 -5.42 -14.97 -14.10
CA ILE B 69 -4.93 -15.98 -13.16
C ILE B 69 -3.88 -16.86 -13.82
N ALA B 70 -4.12 -17.25 -15.08
CA ALA B 70 -3.13 -18.06 -15.78
C ALA B 70 -1.77 -17.37 -15.82
N THR B 71 -1.77 -16.06 -16.02
CA THR B 71 -0.51 -15.32 -16.14
C THR B 71 0.11 -14.99 -14.79
N ASN B 72 -0.71 -14.69 -13.78
CA ASN B 72 -0.24 -14.09 -12.54
C ASN B 72 -0.41 -14.96 -11.30
N GLY B 73 -1.24 -16.00 -11.35
CA GLY B 73 -1.55 -16.75 -10.16
C GLY B 73 -2.55 -16.04 -9.29
N PRO B 74 -2.97 -16.68 -8.20
CA PRO B 74 -4.01 -16.12 -7.35
C PRO B 74 -3.55 -14.89 -6.59
N LEU B 75 -4.53 -14.06 -6.24
CA LEU B 75 -4.29 -12.93 -5.37
C LEU B 75 -4.07 -13.41 -3.94
N LYS B 76 -3.61 -12.50 -3.09
CA LYS B 76 -3.58 -12.70 -1.65
C LYS B 76 -4.89 -12.22 -1.04
N VAL B 77 -5.35 -12.91 0.02
CA VAL B 77 -6.43 -12.33 0.83
C VAL B 77 -5.94 -10.99 1.36
N GLY B 78 -6.74 -9.95 1.17
CA GLY B 78 -6.35 -8.59 1.48
C GLY B 78 -5.80 -7.82 0.30
N GLY B 79 -5.55 -8.50 -0.83
CA GLY B 79 -4.99 -7.87 -2.01
C GLY B 79 -6.04 -7.56 -3.07
N SER B 80 -5.55 -7.07 -4.22
CA SER B 80 -6.44 -6.64 -5.28
C SER B 80 -5.72 -6.67 -6.62
N CYS B 81 -6.50 -6.58 -7.69
CA CYS B 81 -5.96 -6.29 -9.02
C CYS B 81 -6.96 -5.42 -9.77
N VAL B 82 -6.44 -4.66 -10.74
CA VAL B 82 -7.25 -3.82 -11.61
C VAL B 82 -7.41 -4.52 -12.95
N LEU B 83 -8.66 -4.73 -13.35
CA LEU B 83 -9.01 -5.28 -14.66
C LEU B 83 -10.03 -4.37 -15.33
N SER B 84 -10.48 -4.75 -16.51
CA SER B 84 -11.47 -3.93 -17.21
C SER B 84 -12.79 -3.89 -16.42
N GLY B 85 -13.50 -2.77 -16.57
CA GLY B 85 -14.85 -2.67 -16.07
C GLY B 85 -15.93 -3.00 -17.07
N HIS B 86 -15.59 -3.36 -18.32
CA HIS B 86 -16.56 -3.88 -19.29
C HIS B 86 -17.69 -2.86 -19.49
N ASN B 87 -18.96 -3.26 -19.36
CA ASN B 87 -20.09 -2.36 -19.50
C ASN B 87 -20.48 -1.69 -18.20
N LEU B 88 -19.66 -1.80 -17.15
CA LEU B 88 -19.99 -1.30 -15.83
C LEU B 88 -19.19 -0.07 -15.42
N ALA B 89 -17.94 0.06 -15.89
CA ALA B 89 -17.03 1.05 -15.37
C ALA B 89 -15.81 1.05 -16.28
N LYS B 90 -14.97 2.07 -16.16
CA LYS B 90 -13.69 2.01 -16.84
C LYS B 90 -12.89 0.81 -16.37
N HIS B 91 -12.77 0.65 -15.04
CA HIS B 91 -12.00 -0.41 -14.42
C HIS B 91 -12.85 -1.12 -13.38
N CYS B 92 -12.55 -2.40 -13.17
CA CYS B 92 -13.01 -3.12 -11.99
C CYS B 92 -11.82 -3.39 -11.10
N LEU B 93 -11.91 -2.94 -9.86
CA LEU B 93 -10.92 -3.25 -8.83
C LEU B 93 -11.42 -4.49 -8.09
N HIS B 94 -10.78 -5.62 -8.34
CA HIS B 94 -11.15 -6.88 -7.68
C HIS B 94 -10.42 -6.93 -6.34
N VAL B 95 -11.15 -6.83 -5.23
CA VAL B 95 -10.56 -6.78 -3.90
C VAL B 95 -11.00 -8.00 -3.13
N VAL B 96 -10.03 -8.68 -2.50
CA VAL B 96 -10.32 -9.90 -1.74
C VAL B 96 -10.37 -9.56 -0.25
N GLY B 97 -11.58 -9.45 0.30
CA GLY B 97 -11.73 -9.41 1.73
C GLY B 97 -11.73 -10.82 2.29
N PRO B 98 -11.46 -10.95 3.59
CA PRO B 98 -11.54 -12.28 4.22
C PRO B 98 -12.96 -12.83 4.21
N ASN B 99 -13.06 -14.13 3.93
CA ASN B 99 -14.34 -14.84 3.96
C ASN B 99 -14.44 -15.59 5.29
N VAL B 100 -15.20 -15.02 6.23
N VAL B 100 -15.22 -15.02 6.23
CA VAL B 100 -15.36 -15.65 7.54
CA VAL B 100 -15.39 -15.64 7.53
C VAL B 100 -16.09 -17.00 7.40
C VAL B 100 -16.10 -16.98 7.42
N ASN B 101 -16.98 -17.13 6.43
CA ASN B 101 -17.63 -18.42 6.19
C ASN B 101 -16.63 -19.49 5.75
N LYS B 102 -15.44 -19.07 5.32
N LYS B 102 -15.44 -19.08 5.32
CA LYS B 102 -14.34 -19.99 5.02
CA LYS B 102 -14.35 -20.00 5.03
C LYS B 102 -13.31 -20.03 6.13
C LYS B 102 -13.31 -20.04 6.14
N GLY B 103 -13.57 -19.39 7.27
CA GLY B 103 -12.66 -19.39 8.39
C GLY B 103 -11.50 -18.44 8.28
N GLU B 104 -11.49 -17.55 7.29
N GLU B 104 -11.50 -17.53 7.31
CA GLU B 104 -10.38 -16.63 7.11
CA GLU B 104 -10.41 -16.60 7.15
C GLU B 104 -10.41 -15.53 8.17
C GLU B 104 -10.46 -15.49 8.20
N ASP B 105 -9.24 -14.93 8.40
N ASP B 105 -9.30 -14.90 8.47
CA ASP B 105 -9.05 -14.01 9.51
CA ASP B 105 -9.15 -13.96 9.57
C ASP B 105 -9.71 -12.67 9.20
C ASP B 105 -9.80 -12.63 9.24
N ILE B 106 -10.70 -12.30 10.02
N ILE B 106 -10.81 -12.25 10.02
CA ILE B 106 -11.39 -11.02 9.87
CA ILE B 106 -11.48 -10.96 9.84
C ILE B 106 -10.43 -9.85 9.99
C ILE B 106 -10.49 -9.79 9.98
N GLN B 107 -9.29 -10.03 10.65
N GLN B 107 -9.35 -10.01 10.63
CA GLN B 107 -8.32 -8.95 10.79
CA GLN B 107 -8.36 -8.94 10.79
C GLN B 107 -7.80 -8.46 9.46
C GLN B 107 -7.80 -8.46 9.46
N LEU B 108 -7.87 -9.28 8.40
CA LEU B 108 -7.38 -8.89 7.08
C LEU B 108 -8.28 -7.89 6.36
N LEU B 109 -9.42 -7.54 6.96
CA LEU B 109 -10.36 -6.62 6.32
C LEU B 109 -9.75 -5.24 6.17
N LYS B 110 -8.94 -4.78 7.13
CA LYS B 110 -8.34 -3.46 6.99
C LYS B 110 -7.41 -3.42 5.79
N SER B 111 -6.55 -4.43 5.65
CA SER B 111 -5.67 -4.51 4.48
C SER B 111 -6.49 -4.46 3.19
N ALA B 112 -7.61 -5.18 3.15
CA ALA B 112 -8.44 -5.19 1.96
C ALA B 112 -8.95 -3.78 1.63
N TYR B 113 -9.44 -3.06 2.62
CA TYR B 113 -9.92 -1.70 2.37
C TYR B 113 -8.81 -0.75 1.96
N GLU B 114 -7.56 -0.99 2.40
CA GLU B 114 -6.48 -0.10 2.02
C GLU B 114 -6.31 -0.03 0.51
N ASN B 115 -6.73 -1.08 -0.23
CA ASN B 115 -6.63 -1.01 -1.68
C ASN B 115 -7.44 0.15 -2.25
N PHE B 116 -8.53 0.52 -1.58
CA PHE B 116 -9.38 1.60 -2.09
C PHE B 116 -8.61 2.92 -2.16
N ASN B 117 -7.61 3.11 -1.28
CA ASN B 117 -6.88 4.38 -1.23
C ASN B 117 -6.04 4.63 -2.46
N GLN B 118 -5.88 3.65 -3.33
CA GLN B 118 -5.16 3.83 -4.59
C GLN B 118 -6.01 4.42 -5.70
N HIS B 119 -7.28 4.77 -5.40
CA HIS B 119 -8.21 5.27 -6.39
C HIS B 119 -8.96 6.46 -5.81
N GLU B 120 -9.03 7.57 -6.56
CA GLU B 120 -9.58 8.79 -5.98
C GLU B 120 -11.07 8.68 -5.69
N VAL B 121 -11.81 7.89 -6.50
CA VAL B 121 -13.25 7.72 -6.31
C VAL B 121 -13.64 6.33 -6.78
N LEU B 122 -14.50 5.66 -6.00
CA LEU B 122 -14.92 4.29 -6.29
C LEU B 122 -16.39 4.10 -5.94
N LEU B 123 -17.05 3.24 -6.74
CA LEU B 123 -18.34 2.63 -6.39
C LEU B 123 -18.05 1.26 -5.83
N ALA B 124 -18.59 0.93 -4.64
CA ALA B 124 -18.14 -0.29 -3.98
C ALA B 124 -19.25 -0.94 -3.16
N PRO B 125 -19.15 -2.24 -2.93
CA PRO B 125 -19.92 -2.91 -1.90
C PRO B 125 -19.12 -2.91 -0.59
N LEU B 126 -19.79 -3.29 0.50
CA LEU B 126 -19.10 -3.51 1.76
C LEU B 126 -18.31 -4.82 1.70
N LEU B 127 -17.01 -4.72 1.91
CA LEU B 127 -16.15 -5.89 1.82
C LEU B 127 -16.43 -6.88 2.95
N SER B 128 -16.32 -8.15 2.62
CA SER B 128 -16.49 -9.28 3.52
C SER B 128 -17.92 -9.43 4.03
N ALA B 129 -18.86 -8.63 3.54
CA ALA B 129 -20.26 -8.74 3.92
C ALA B 129 -20.95 -9.84 3.13
N GLY B 130 -22.23 -10.04 3.44
CA GLY B 130 -23.05 -10.94 2.64
C GLY B 130 -22.53 -12.35 2.72
N ILE B 131 -22.32 -12.95 1.53
CA ILE B 131 -21.91 -14.35 1.46
C ILE B 131 -20.53 -14.58 2.03
N PHE B 132 -19.76 -13.51 2.28
CA PHE B 132 -18.45 -13.65 2.93
C PHE B 132 -18.55 -13.74 4.45
N GLY B 133 -19.70 -13.42 5.06
CA GLY B 133 -19.98 -13.79 6.43
C GLY B 133 -19.60 -12.81 7.52
N ALA B 134 -18.95 -11.69 7.20
CA ALA B 134 -18.62 -10.74 8.26
C ALA B 134 -19.84 -9.89 8.60
N ASP B 135 -19.78 -9.28 9.78
CA ASP B 135 -20.82 -8.35 10.21
C ASP B 135 -20.74 -7.10 9.35
N PRO B 136 -21.78 -6.75 8.59
CA PRO B 136 -21.69 -5.54 7.75
C PRO B 136 -21.48 -4.27 8.55
N ILE B 137 -21.97 -4.22 9.79
CA ILE B 137 -21.71 -3.06 10.65
C ILE B 137 -20.21 -2.91 10.88
N HIS B 138 -19.53 -4.02 11.14
CA HIS B 138 -18.08 -3.97 11.29
C HIS B 138 -17.38 -3.59 9.99
N SER B 139 -17.87 -4.10 8.86
CA SER B 139 -17.24 -3.76 7.60
C SER B 139 -17.35 -2.27 7.33
N LEU B 140 -18.50 -1.67 7.63
CA LEU B 140 -18.65 -0.23 7.48
C LEU B 140 -17.69 0.53 8.40
N ARG B 141 -17.54 0.05 9.64
CA ARG B 141 -16.59 0.64 10.58
C ARG B 141 -15.18 0.64 10.01
N VAL B 142 -14.73 -0.52 9.53
CA VAL B 142 -13.38 -0.60 8.99
C VAL B 142 -13.25 0.29 7.75
N CYS B 143 -14.28 0.33 6.91
CA CYS B 143 -14.26 1.21 5.74
C CYS B 143 -14.03 2.65 6.16
N VAL B 144 -14.85 3.16 7.08
CA VAL B 144 -14.73 4.55 7.49
C VAL B 144 -13.38 4.85 8.14
N ASP B 145 -12.84 3.88 8.87
CA ASP B 145 -11.59 4.08 9.59
C ASP B 145 -10.35 3.82 8.74
N THR B 146 -10.53 3.38 7.49
CA THR B 146 -9.40 3.00 6.63
C THR B 146 -9.37 3.77 5.33
N VAL B 147 -10.50 3.91 4.66
CA VAL B 147 -10.54 4.55 3.35
C VAL B 147 -10.53 6.06 3.54
N ARG B 148 -9.65 6.73 2.80
CA ARG B 148 -9.55 8.18 2.79
C ARG B 148 -9.95 8.80 1.45
N THR B 149 -9.99 8.01 0.38
CA THR B 149 -10.48 8.45 -0.92
C THR B 149 -12.01 8.39 -0.90
N ASN B 150 -12.63 8.83 -1.99
CA ASN B 150 -14.08 9.00 -2.01
C ASN B 150 -14.75 7.68 -2.39
N VAL B 151 -15.45 7.06 -1.45
CA VAL B 151 -16.07 5.76 -1.66
C VAL B 151 -17.58 5.89 -1.53
N TYR B 152 -18.28 5.41 -2.56
CA TYR B 152 -19.73 5.43 -2.68
C TYR B 152 -20.20 3.97 -2.53
N LEU B 153 -20.80 3.66 -1.38
CA LEU B 153 -21.20 2.30 -1.05
C LEU B 153 -22.63 2.04 -1.48
N ALA B 154 -22.85 0.93 -2.17
CA ALA B 154 -24.17 0.49 -2.60
C ALA B 154 -24.59 -0.69 -1.74
N VAL B 155 -25.73 -0.54 -1.07
CA VAL B 155 -26.29 -1.60 -0.22
C VAL B 155 -27.65 -1.98 -0.81
N PHE B 156 -27.78 -3.23 -1.23
CA PHE B 156 -28.96 -3.66 -1.98
C PHE B 156 -30.22 -3.70 -1.11
N ASP B 157 -30.14 -4.30 0.07
CA ASP B 157 -31.32 -4.52 0.90
C ASP B 157 -31.63 -3.27 1.72
N LYS B 158 -32.81 -2.70 1.52
N LYS B 158 -32.79 -2.68 1.49
CA LYS B 158 -33.24 -1.53 2.29
CA LYS B 158 -33.19 -1.47 2.21
C LYS B 158 -33.14 -1.77 3.80
C LYS B 158 -33.14 -1.67 3.72
N ASN B 159 -33.49 -2.97 4.26
N ASN B 159 -33.44 -2.88 4.20
CA ASN B 159 -33.46 -3.23 5.69
CA ASN B 159 -33.45 -3.12 5.64
C ASN B 159 -32.04 -3.25 6.24
C ASN B 159 -32.03 -3.16 6.21
N LEU B 160 -31.07 -3.72 5.46
CA LEU B 160 -29.69 -3.67 5.91
C LEU B 160 -29.16 -2.25 5.83
N TYR B 161 -29.51 -1.52 4.76
CA TYR B 161 -29.16 -0.10 4.66
C TYR B 161 -29.62 0.65 5.90
N ASP B 162 -30.88 0.45 6.31
CA ASP B 162 -31.40 1.15 7.47
C ASP B 162 -30.63 0.77 8.74
N LYS B 163 -30.29 -0.51 8.90
CA LYS B 163 -29.52 -0.94 10.06
C LYS B 163 -28.15 -0.28 10.07
N LEU B 164 -27.50 -0.20 8.91
CA LEU B 164 -26.17 0.40 8.80
C LEU B 164 -26.22 1.90 9.13
N VAL B 165 -27.16 2.62 8.53
CA VAL B 165 -27.23 4.06 8.72
C VAL B 165 -27.64 4.39 10.14
N SER B 166 -28.71 3.73 10.62
CA SER B 166 -29.29 4.08 11.91
C SER B 166 -28.33 3.78 13.05
N SER B 167 -27.42 2.83 12.88
CA SER B 167 -26.47 2.47 13.92
C SER B 167 -25.09 3.11 13.77
N PHE B 168 -24.82 3.79 12.65
CA PHE B 168 -23.50 4.40 12.46
C PHE B 168 -23.26 5.54 13.45
N LEU B 169 -24.31 6.28 13.79
CA LEU B 169 -24.22 7.41 14.70
C LEU B 169 -25.45 7.60 15.57
#